data_7NWQ
#
_entry.id   7NWQ
#
_cell.length_a   172.490
_cell.length_b   172.490
_cell.length_c   172.490
_cell.angle_alpha   90.000
_cell.angle_beta   90.000
_cell.angle_gamma   90.000
#
_symmetry.space_group_name_H-M   'I 4 3 2'
#
loop_
_entity.id
_entity.type
_entity.pdbx_description
1 polymer Beta-xylanase
2 branched beta-D-glucopyranose-(1-4)-beta-D-glucopyranose-(1-4)-beta-D-glucopyranose
3 non-polymer DI(HYDROXYETHYL)ETHER
4 non-polymer 1,2-ETHANEDIOL
5 non-polymer 'CALCIUM ION'
6 non-polymer 'TRIETHYLENE GLYCOL'
7 non-polymer 'PENTAETHYLENE GLYCOL'
8 water water
#
_entity_poly.entity_id   1
_entity_poly.type   'polypeptide(L)'
_entity_poly.pdbx_seq_one_letter_code
;MGSSHHHHHHSSENLYFQGHKRIYVSYGSPVIDGEVDDIWNNVEWNIPRIYSATTQTNAKFKLMWDDNALYVLAEVYDPV
LNSANSTPYQQDSVEIFLDENFDRAISYQSDDLHYRVNYNNFKTTDAGDILRFYTKTKLLPDGYRVEARIALSKKPINGT
IMGFEFQVNEADSSARRVATINMFDNTGNAWQNPSLFGEIKLKGRSDNAVVPINP
;
_entity_poly.pdbx_strand_id   AAA
#
loop_
_chem_comp.id
_chem_comp.type
_chem_comp.name
_chem_comp.formula
1PE non-polymer 'PENTAETHYLENE GLYCOL' 'C10 H22 O6'
BGC D-saccharide, beta linking beta-D-glucopyranose 'C6 H12 O6'
CA non-polymer 'CALCIUM ION' 'Ca 2'
EDO non-polymer 1,2-ETHANEDIOL 'C2 H6 O2'
PEG non-polymer DI(HYDROXYETHYL)ETHER 'C4 H10 O3'
PGE non-polymer 'TRIETHYLENE GLYCOL' 'C6 H14 O4'
#
# COMPACT_ATOMS: atom_id res chain seq x y z
N LYS A 21 -1.87 -15.56 0.47
CA LYS A 21 -2.10 -15.75 -1.02
C LYS A 21 -1.20 -14.79 -1.84
N ARG A 22 -1.59 -14.56 -3.10
CA ARG A 22 -0.73 -13.94 -4.09
C ARG A 22 -1.47 -12.94 -4.98
N ILE A 23 -0.88 -11.75 -5.19
CA ILE A 23 -1.40 -10.77 -6.16
C ILE A 23 -0.37 -10.66 -7.29
N TYR A 24 -0.89 -10.71 -8.52
CA TYR A 24 -0.07 -10.54 -9.72
C TYR A 24 -0.08 -9.04 -10.06
N VAL A 25 1.10 -8.42 -10.17
CA VAL A 25 1.18 -6.97 -10.34
C VAL A 25 1.66 -6.66 -11.75
N SER A 26 0.84 -5.92 -12.49
CA SER A 26 1.19 -5.42 -13.82
C SER A 26 2.20 -4.26 -13.78
N TYR A 27 2.93 -4.17 -14.88
CA TYR A 27 3.94 -3.18 -15.16
C TYR A 27 3.32 -1.86 -15.65
N GLY A 28 3.75 -0.74 -15.07
CA GLY A 28 3.27 0.59 -15.44
C GLY A 28 3.85 1.66 -14.51
N SER A 29 3.81 2.92 -14.95
N SER A 29 3.67 2.93 -14.87
CA SER A 29 4.44 4.06 -14.30
CA SER A 29 4.43 4.02 -14.28
C SER A 29 3.41 5.18 -14.14
C SER A 29 3.55 5.24 -14.04
N PRO A 30 2.66 5.20 -13.01
CA PRO A 30 1.70 6.28 -12.79
C PRO A 30 2.32 7.58 -12.26
N VAL A 31 1.53 8.65 -12.37
CA VAL A 31 1.88 9.96 -11.83
C VAL A 31 1.37 10.09 -10.39
N ILE A 32 2.24 10.56 -9.48
CA ILE A 32 1.88 10.62 -8.08
C ILE A 32 1.23 12.01 -7.87
N ASP A 33 -0.12 12.05 -7.71
CA ASP A 33 -0.81 13.33 -7.56
C ASP A 33 -2.15 13.20 -6.82
N GLY A 34 -2.50 11.98 -6.38
CA GLY A 34 -3.79 11.71 -5.76
C GLY A 34 -4.93 11.54 -6.79
N GLU A 35 -4.59 11.52 -8.07
CA GLU A 35 -5.61 11.41 -9.11
C GLU A 35 -5.47 10.04 -9.77
N VAL A 36 -6.58 9.48 -10.27
CA VAL A 36 -6.59 8.12 -10.77
C VAL A 36 -6.18 8.20 -12.25
N ASP A 37 -4.90 7.92 -12.52
CA ASP A 37 -4.43 7.81 -13.89
C ASP A 37 -5.34 6.86 -14.66
N ASP A 38 -5.54 7.18 -15.94
CA ASP A 38 -6.09 6.27 -16.95
C ASP A 38 -5.51 4.86 -16.81
N ILE A 39 -4.18 4.71 -16.74
CA ILE A 39 -3.62 3.36 -16.72
C ILE A 39 -4.06 2.56 -15.48
N TRP A 40 -4.47 3.25 -14.39
CA TRP A 40 -4.89 2.48 -13.23
C TRP A 40 -6.20 1.75 -13.53
N ASN A 41 -7.03 2.29 -14.43
CA ASN A 41 -8.27 1.62 -14.81
C ASN A 41 -8.01 0.32 -15.59
N ASN A 42 -6.77 0.01 -15.97
CA ASN A 42 -6.47 -1.25 -16.67
C ASN A 42 -5.95 -2.34 -15.73
N VAL A 43 -6.02 -2.04 -14.43
CA VAL A 43 -5.56 -2.98 -13.42
C VAL A 43 -6.72 -3.20 -12.45
N GLU A 44 -6.68 -4.31 -11.73
CA GLU A 44 -7.81 -4.77 -10.92
C GLU A 44 -7.67 -4.31 -9.45
N TRP A 45 -8.81 -4.04 -8.83
CA TRP A 45 -8.87 -3.76 -7.39
C TRP A 45 -8.60 -5.02 -6.56
N ASN A 46 -7.85 -4.86 -5.46
CA ASN A 46 -7.72 -5.86 -4.43
C ASN A 46 -8.62 -5.39 -3.30
N ILE A 47 -9.43 -6.30 -2.74
CA ILE A 47 -10.37 -5.92 -1.68
C ILE A 47 -9.93 -6.60 -0.38
N PRO A 48 -9.35 -5.85 0.58
CA PRO A 48 -8.93 -6.46 1.85
C PRO A 48 -10.20 -6.78 2.66
N ARG A 49 -10.26 -7.99 3.23
CA ARG A 49 -11.48 -8.52 3.83
C ARG A 49 -11.29 -8.98 5.30
N ILE A 50 -10.12 -8.71 5.89
CA ILE A 50 -9.83 -9.16 7.25
C ILE A 50 -10.08 -7.98 8.18
N TYR A 51 -11.27 -7.96 8.79
CA TYR A 51 -11.69 -6.87 9.66
C TYR A 51 -11.47 -7.23 11.13
N SER A 52 -10.91 -6.32 11.92
CA SER A 52 -10.72 -6.53 13.34
C SER A 52 -12.07 -6.53 14.08
N ALA A 53 -13.08 -5.82 13.55
CA ALA A 53 -14.39 -5.58 14.15
C ALA A 53 -15.35 -5.12 13.07
N THR A 54 -16.63 -5.00 13.38
CA THR A 54 -17.54 -4.56 12.34
C THR A 54 -17.46 -3.04 12.32
N THR A 55 -17.63 -2.43 11.14
CA THR A 55 -17.41 -1.00 10.92
C THR A 55 -18.01 -0.69 9.57
N GLN A 56 -18.37 0.57 9.26
N GLN A 56 -18.40 0.58 9.38
CA GLN A 56 -18.80 0.83 7.88
CA GLN A 56 -18.78 1.18 8.10
C GLN A 56 -17.63 1.34 7.02
C GLN A 56 -17.61 1.02 7.12
N THR A 57 -16.41 1.40 7.59
CA THR A 57 -15.19 1.61 6.81
C THR A 57 -14.89 0.41 5.94
N ASN A 58 -14.56 0.69 4.67
CA ASN A 58 -14.04 -0.33 3.77
C ASN A 58 -13.03 0.33 2.82
N ALA A 59 -12.26 -0.50 2.09
CA ALA A 59 -11.14 0.00 1.31
C ALA A 59 -10.91 -0.93 0.12
N LYS A 60 -10.16 -0.42 -0.86
N LYS A 60 -10.16 -0.44 -0.87
CA LYS A 60 -9.66 -1.21 -1.98
CA LYS A 60 -9.65 -1.28 -1.95
C LYS A 60 -8.31 -0.64 -2.37
C LYS A 60 -8.41 -0.62 -2.53
N PHE A 61 -7.49 -1.43 -3.08
CA PHE A 61 -6.21 -0.92 -3.53
C PHE A 61 -5.78 -1.66 -4.79
N LYS A 62 -4.97 -0.96 -5.61
CA LYS A 62 -4.38 -1.45 -6.84
C LYS A 62 -2.86 -1.32 -6.67
N LEU A 63 -2.15 -2.20 -7.37
CA LEU A 63 -0.70 -2.19 -7.33
C LEU A 63 -0.20 -2.09 -8.76
N MET A 64 1.00 -1.53 -8.94
CA MET A 64 1.64 -1.50 -10.24
C MET A 64 3.14 -1.46 -9.95
N TRP A 65 3.99 -1.86 -10.91
CA TRP A 65 5.44 -1.75 -10.69
C TRP A 65 6.12 -1.22 -11.95
N ASP A 66 7.28 -0.58 -11.79
CA ASP A 66 8.13 -0.25 -12.92
C ASP A 66 9.56 -0.58 -12.52
N ASP A 67 10.53 -0.22 -13.36
CA ASP A 67 11.91 -0.64 -13.16
C ASP A 67 12.45 -0.14 -11.83
N ASN A 68 11.89 0.97 -11.32
CA ASN A 68 12.46 1.65 -10.16
C ASN A 68 11.61 1.50 -8.89
N ALA A 69 10.36 1.02 -9.00
CA ALA A 69 9.41 1.27 -7.90
C ALA A 69 8.18 0.36 -7.94
N LEU A 70 7.59 0.23 -6.75
CA LEU A 70 6.24 -0.28 -6.58
C LEU A 70 5.32 0.91 -6.29
N TYR A 71 4.09 0.85 -6.80
CA TYR A 71 3.08 1.87 -6.73
C TYR A 71 1.85 1.26 -6.07
N VAL A 72 1.23 2.02 -5.16
CA VAL A 72 -0.02 1.62 -4.54
C VAL A 72 -1.03 2.76 -4.76
N LEU A 73 -2.25 2.41 -5.19
CA LEU A 73 -3.41 3.29 -5.17
C LEU A 73 -4.47 2.72 -4.21
N ALA A 74 -4.75 3.41 -3.10
CA ALA A 74 -5.73 2.92 -2.15
C ALA A 74 -6.87 3.93 -2.06
N GLU A 75 -8.12 3.42 -2.01
CA GLU A 75 -9.27 4.26 -1.68
C GLU A 75 -9.95 3.73 -0.44
N VAL A 76 -10.23 4.63 0.50
CA VAL A 76 -10.87 4.22 1.73
C VAL A 76 -12.22 4.92 1.85
N TYR A 77 -13.30 4.16 2.08
CA TYR A 77 -14.59 4.73 2.42
C TYR A 77 -14.66 4.80 3.95
N ASP A 78 -14.75 6.04 4.50
CA ASP A 78 -14.65 6.28 5.92
C ASP A 78 -15.31 7.62 6.25
N PRO A 79 -16.59 7.60 6.70
CA PRO A 79 -17.37 8.82 6.97
C PRO A 79 -16.84 9.76 8.06
N VAL A 80 -15.94 9.29 8.92
CA VAL A 80 -15.37 10.19 9.89
C VAL A 80 -13.85 10.09 9.84
N LEU A 81 -13.15 11.17 9.50
CA LEU A 81 -11.70 11.18 9.44
C LEU A 81 -11.16 11.93 10.67
N ASN A 82 -10.24 11.28 11.38
CA ASN A 82 -9.67 11.85 12.59
C ASN A 82 -8.17 11.57 12.65
N SER A 83 -7.39 12.57 13.01
CA SER A 83 -5.96 12.40 13.19
C SER A 83 -5.48 13.30 14.34
N ALA A 84 -6.31 13.43 15.37
CA ALA A 84 -5.98 14.25 16.55
C ALA A 84 -5.00 13.56 17.52
N ASN A 85 -5.03 12.22 17.61
CA ASN A 85 -4.12 11.43 18.43
C ASN A 85 -2.69 11.52 17.90
N SER A 86 -1.69 11.76 18.77
CA SER A 86 -0.32 11.92 18.28
C SER A 86 0.38 10.60 17.96
N THR A 87 -0.24 9.48 18.31
CA THR A 87 0.23 8.17 17.89
C THR A 87 -0.25 7.91 16.46
N PRO A 88 0.69 7.74 15.51
CA PRO A 88 0.37 7.56 14.09
C PRO A 88 -0.68 6.52 13.70
N TYR A 89 -0.61 5.32 14.28
CA TYR A 89 -1.52 4.25 13.89
C TYR A 89 -2.88 4.42 14.58
N GLN A 90 -3.01 5.45 15.44
CA GLN A 90 -4.28 5.86 16.07
C GLN A 90 -4.97 6.98 15.29
N GLN A 91 -4.49 7.26 14.07
CA GLN A 91 -5.14 8.13 13.10
C GLN A 91 -5.65 7.30 11.91
N ASP A 92 -6.66 7.81 11.21
CA ASP A 92 -7.06 7.21 9.96
C ASP A 92 -5.90 7.28 8.98
N SER A 93 -5.45 6.11 8.50
CA SER A 93 -4.21 5.98 7.77
C SER A 93 -4.20 4.62 7.07
N VAL A 94 -3.28 4.48 6.11
CA VAL A 94 -3.01 3.18 5.52
C VAL A 94 -1.54 2.80 5.79
N GLU A 95 -1.22 1.51 5.83
CA GLU A 95 0.13 1.05 6.07
C GLU A 95 0.46 0.07 4.96
N ILE A 96 1.72 0.15 4.49
CA ILE A 96 2.22 -0.70 3.42
C ILE A 96 3.45 -1.43 3.97
N PHE A 97 3.50 -2.76 3.78
CA PHE A 97 4.64 -3.55 4.23
C PHE A 97 5.28 -4.23 3.03
N LEU A 98 6.62 -4.24 3.00
CA LEU A 98 7.30 -4.87 1.87
C LEU A 98 8.49 -5.68 2.37
N ASP A 99 8.56 -6.95 1.92
CA ASP A 99 9.72 -7.82 2.12
C ASP A 99 10.34 -7.99 0.74
N GLU A 100 11.31 -7.12 0.50
CA GLU A 100 11.78 -6.87 -0.86
C GLU A 100 12.55 -8.07 -1.39
N ASN A 101 13.39 -8.69 -0.55
CA ASN A 101 14.20 -9.83 -0.94
C ASN A 101 13.41 -11.13 -0.86
N PHE A 102 12.21 -11.09 -0.29
CA PHE A 102 11.42 -12.29 -0.10
C PHE A 102 12.14 -13.31 0.76
N ASP A 103 12.78 -12.84 1.85
CA ASP A 103 13.44 -13.65 2.86
C ASP A 103 12.40 -14.41 3.67
N ARG A 104 11.22 -13.83 3.88
CA ARG A 104 10.18 -14.40 4.74
C ARG A 104 10.73 -14.71 6.14
N ALA A 105 11.69 -13.92 6.64
CA ALA A 105 12.11 -14.02 8.02
C ALA A 105 10.94 -13.77 8.99
N ILE A 106 11.18 -14.06 10.28
CA ILE A 106 10.13 -14.04 11.29
C ILE A 106 10.25 -12.74 12.09
N SER A 107 11.37 -12.02 11.91
CA SER A 107 11.55 -10.68 12.42
C SER A 107 12.18 -9.83 11.31
N TYR A 108 12.25 -8.51 11.47
CA TYR A 108 12.48 -7.59 10.37
C TYR A 108 13.97 -7.59 10.01
N GLN A 109 14.30 -7.86 8.74
CA GLN A 109 15.66 -7.74 8.22
C GLN A 109 15.87 -6.31 7.69
N SER A 110 17.11 -6.01 7.31
CA SER A 110 17.45 -4.65 6.93
C SER A 110 16.81 -4.26 5.57
N ASP A 111 16.21 -5.22 4.83
CA ASP A 111 15.53 -4.89 3.59
C ASP A 111 13.99 -4.81 3.74
N ASP A 112 13.45 -5.05 4.96
CA ASP A 112 12.01 -5.07 5.22
C ASP A 112 11.48 -3.64 5.47
N LEU A 113 10.32 -3.30 4.91
CA LEU A 113 9.79 -1.94 4.98
C LEU A 113 8.42 -1.97 5.62
N HIS A 114 8.11 -0.94 6.41
CA HIS A 114 6.78 -0.72 6.98
C HIS A 114 6.51 0.79 7.04
N TYR A 115 5.65 1.25 6.13
CA TYR A 115 5.39 2.68 6.01
C TYR A 115 3.91 2.91 6.31
N ARG A 116 3.60 4.18 6.65
CA ARG A 116 2.24 4.57 7.01
C ARG A 116 2.02 5.99 6.46
N VAL A 117 0.82 6.29 5.94
CA VAL A 117 0.48 7.66 5.60
C VAL A 117 -0.96 7.93 6.03
N ASN A 118 -1.25 9.09 6.68
CA ASN A 118 -2.64 9.39 7.02
C ASN A 118 -3.33 10.18 5.89
N TYR A 119 -4.61 10.52 6.10
CA TYR A 119 -5.47 11.04 5.04
C TYR A 119 -5.04 12.47 4.73
N ASN A 120 -4.27 13.12 5.62
CA ASN A 120 -3.62 14.40 5.32
C ASN A 120 -2.23 14.25 4.70
N ASN A 121 -1.85 13.03 4.31
CA ASN A 121 -0.55 12.86 3.68
C ASN A 121 0.64 12.92 4.64
N PHE A 122 0.41 12.80 5.96
CA PHE A 122 1.51 12.71 6.92
C PHE A 122 2.07 11.29 6.95
N LYS A 123 3.37 11.16 6.73
CA LYS A 123 4.03 9.88 6.53
C LYS A 123 4.84 9.51 7.77
N THR A 124 4.85 8.22 8.13
CA THR A 124 5.73 7.71 9.17
C THR A 124 6.37 6.43 8.64
N THR A 125 7.58 6.12 9.15
CA THR A 125 8.15 4.80 8.93
C THR A 125 8.28 4.03 10.25
N ASP A 126 7.88 2.76 10.26
CA ASP A 126 8.19 1.86 11.37
C ASP A 126 9.46 1.06 11.05
N ALA A 127 9.81 0.97 9.76
CA ALA A 127 10.99 0.22 9.33
C ALA A 127 11.29 0.65 7.90
N GLY A 128 12.54 1.05 7.67
CA GLY A 128 13.05 1.35 6.35
C GLY A 128 13.19 2.86 6.18
N ASP A 129 13.96 3.23 5.16
CA ASP A 129 14.32 4.61 4.88
C ASP A 129 13.10 5.34 4.30
N ILE A 130 12.64 6.41 4.96
CA ILE A 130 11.39 7.04 4.56
C ILE A 130 11.63 7.87 3.28
N LEU A 131 12.91 8.11 2.93
CA LEU A 131 13.25 8.82 1.70
C LEU A 131 12.83 8.02 0.48
N ARG A 132 12.57 6.72 0.64
CA ARG A 132 12.12 5.88 -0.46
C ARG A 132 10.62 6.02 -0.72
N PHE A 133 9.89 6.71 0.20
CA PHE A 133 8.43 6.70 0.21
C PHE A 133 7.90 8.08 -0.24
N TYR A 134 7.06 8.11 -1.27
CA TYR A 134 6.57 9.38 -1.79
C TYR A 134 5.06 9.22 -2.02
N THR A 135 4.24 10.15 -1.47
CA THR A 135 2.80 9.92 -1.39
C THR A 135 2.09 11.24 -1.69
N LYS A 136 0.86 11.10 -2.20
CA LYS A 136 -0.16 12.15 -2.24
C LYS A 136 -1.49 11.58 -1.77
N THR A 137 -2.31 12.41 -1.10
CA THR A 137 -3.64 11.99 -0.74
C THR A 137 -4.63 12.98 -1.36
N LYS A 138 -5.90 12.60 -1.38
CA LYS A 138 -6.97 13.47 -1.78
C LYS A 138 -8.17 13.14 -0.90
N LEU A 139 -8.81 14.18 -0.33
CA LEU A 139 -10.09 14.01 0.36
C LEU A 139 -11.22 13.79 -0.64
N LEU A 140 -12.04 12.78 -0.40
CA LEU A 140 -13.15 12.44 -1.26
C LEU A 140 -14.43 12.60 -0.42
N PRO A 141 -15.63 12.80 -1.00
CA PRO A 141 -16.88 12.68 -0.21
C PRO A 141 -16.88 11.29 0.46
N ASP A 142 -17.02 11.25 1.79
CA ASP A 142 -17.01 9.97 2.50
C ASP A 142 -15.71 9.18 2.44
N GLY A 143 -14.55 9.82 2.22
CA GLY A 143 -13.33 9.04 2.37
C GLY A 143 -12.09 9.76 1.84
N TYR A 144 -11.11 8.95 1.38
CA TYR A 144 -9.86 9.55 0.95
C TYR A 144 -9.19 8.53 0.05
N ARG A 145 -8.22 9.03 -0.74
CA ARG A 145 -7.40 8.26 -1.64
C ARG A 145 -5.94 8.52 -1.28
N VAL A 146 -5.13 7.46 -1.33
CA VAL A 146 -3.69 7.52 -1.15
C VAL A 146 -3.11 6.98 -2.44
N GLU A 147 -2.11 7.69 -2.99
CA GLU A 147 -1.34 7.22 -4.11
C GLU A 147 0.12 7.29 -3.68
N ALA A 148 0.82 6.14 -3.72
CA ALA A 148 2.13 6.02 -3.09
C ALA A 148 3.12 5.35 -4.04
N ARG A 149 4.38 5.75 -3.86
CA ARG A 149 5.49 5.16 -4.59
C ARG A 149 6.54 4.71 -3.57
N ILE A 150 6.98 3.45 -3.69
CA ILE A 150 8.15 2.99 -2.94
C ILE A 150 9.33 2.70 -3.89
N ALA A 151 10.42 3.45 -3.78
CA ALA A 151 11.62 3.18 -4.57
C ALA A 151 12.21 1.82 -4.17
N LEU A 152 12.47 0.95 -5.16
CA LEU A 152 13.01 -0.39 -4.95
C LEU A 152 14.53 -0.37 -5.01
N SER A 153 15.21 -1.25 -4.26
CA SER A 153 16.68 -1.20 -4.20
C SER A 153 17.29 -2.23 -5.17
N LYS A 154 16.54 -3.30 -5.44
CA LYS A 154 16.90 -4.35 -6.39
C LYS A 154 16.09 -4.13 -7.66
N LYS A 155 16.72 -4.25 -8.85
CA LYS A 155 16.03 -4.12 -10.13
C LYS A 155 15.00 -5.24 -10.24
N PRO A 156 13.68 -4.97 -10.25
CA PRO A 156 12.73 -6.06 -10.40
C PRO A 156 12.63 -6.50 -11.86
N ILE A 157 12.22 -7.75 -12.10
CA ILE A 157 12.06 -8.30 -13.44
C ILE A 157 10.77 -9.13 -13.43
N ASN A 158 10.31 -9.58 -14.62
CA ASN A 158 9.11 -10.40 -14.66
C ASN A 158 9.42 -11.65 -13.85
N GLY A 159 8.53 -12.02 -12.94
CA GLY A 159 8.75 -13.18 -12.09
C GLY A 159 9.26 -12.85 -10.68
N THR A 160 9.85 -11.66 -10.45
CA THR A 160 10.18 -11.23 -9.10
C THR A 160 9.01 -11.48 -8.15
N ILE A 161 9.32 -12.05 -6.98
CA ILE A 161 8.32 -12.19 -5.93
C ILE A 161 8.81 -11.41 -4.73
N MET A 162 7.86 -10.67 -4.14
CA MET A 162 8.14 -9.97 -2.89
C MET A 162 7.04 -10.31 -1.90
N GLY A 163 7.35 -10.23 -0.60
CA GLY A 163 6.26 -10.24 0.35
C GLY A 163 5.67 -8.83 0.54
N PHE A 164 4.37 -8.77 0.81
CA PHE A 164 3.66 -7.51 0.82
C PHE A 164 2.49 -7.64 1.79
N GLU A 165 2.15 -6.53 2.46
CA GLU A 165 0.89 -6.42 3.20
C GLU A 165 0.36 -4.99 3.03
N PHE A 166 -0.96 -4.87 3.13
CA PHE A 166 -1.69 -3.62 3.14
C PHE A 166 -2.65 -3.66 4.34
N GLN A 167 -2.73 -2.54 5.08
CA GLN A 167 -3.57 -2.39 6.25
C GLN A 167 -4.20 -0.98 6.24
N VAL A 168 -5.45 -0.90 6.67
CA VAL A 168 -6.12 0.35 6.94
C VAL A 168 -6.32 0.46 8.45
N ASN A 169 -6.00 1.63 9.04
CA ASN A 169 -6.36 1.97 10.41
C ASN A 169 -7.57 2.91 10.39
N GLU A 170 -8.66 2.47 11.03
N GLU A 170 -8.60 2.55 11.15
CA GLU A 170 -9.83 3.30 11.25
CA GLU A 170 -9.87 3.28 11.21
C GLU A 170 -9.78 3.91 12.65
C GLU A 170 -10.03 3.91 12.60
N ALA A 171 -9.84 5.25 12.71
CA ALA A 171 -10.04 5.97 13.96
C ALA A 171 -11.45 6.56 14.02
N ASP A 172 -11.91 6.98 15.21
CA ASP A 172 -13.23 7.62 15.27
C ASP A 172 -13.13 8.99 15.92
N SER A 173 -14.29 9.57 16.27
CA SER A 173 -14.40 10.92 16.81
C SER A 173 -13.69 11.05 18.14
N SER A 174 -13.40 9.92 18.81
CA SER A 174 -12.71 9.95 20.11
C SER A 174 -11.20 10.04 19.91
N ALA A 175 -10.71 10.06 18.65
CA ALA A 175 -9.29 10.20 18.38
C ALA A 175 -8.49 8.94 18.76
N ARG A 176 -9.05 7.77 18.44
CA ARG A 176 -8.39 6.50 18.74
C ARG A 176 -8.75 5.54 17.62
N ARG A 177 -7.84 4.60 17.33
CA ARG A 177 -8.13 3.56 16.36
C ARG A 177 -9.16 2.62 16.97
N VAL A 178 -10.20 2.25 16.21
CA VAL A 178 -11.24 1.36 16.67
C VAL A 178 -11.27 0.08 15.84
N ALA A 179 -10.57 0.05 14.70
CA ALA A 179 -10.59 -1.12 13.83
C ALA A 179 -9.43 -1.06 12.85
N THR A 180 -9.07 -2.23 12.31
CA THR A 180 -8.11 -2.39 11.24
C THR A 180 -8.74 -3.26 10.17
N ILE A 181 -8.27 -3.05 8.94
CA ILE A 181 -8.59 -3.92 7.81
C ILE A 181 -7.25 -4.31 7.22
N ASN A 182 -7.10 -5.61 6.94
CA ASN A 182 -5.89 -6.20 6.41
C ASN A 182 -6.18 -6.99 5.12
N MET A 183 -5.18 -7.09 4.26
CA MET A 183 -5.32 -7.86 3.03
C MET A 183 -5.06 -9.35 3.35
N PHE A 184 -3.91 -9.60 4.00
CA PHE A 184 -3.31 -10.93 4.12
C PHE A 184 -3.16 -11.43 5.57
N ASP A 185 -2.75 -10.59 6.53
CA ASP A 185 -2.51 -11.05 7.90
C ASP A 185 -3.74 -10.90 8.77
N ASN A 186 -4.18 -11.99 9.42
CA ASN A 186 -5.32 -11.90 10.33
C ASN A 186 -4.90 -11.97 11.80
N THR A 187 -3.59 -11.87 12.10
CA THR A 187 -3.08 -12.15 13.42
C THR A 187 -2.66 -10.89 14.17
N GLY A 188 -2.50 -9.76 13.49
CA GLY A 188 -2.10 -8.52 14.18
C GLY A 188 -0.59 -8.42 14.30
N ASN A 189 0.15 -9.26 13.56
CA ASN A 189 1.58 -9.35 13.82
C ASN A 189 2.49 -8.92 12.66
N ALA A 190 1.92 -8.49 11.54
CA ALA A 190 2.73 -8.10 10.38
C ALA A 190 3.74 -7.03 10.76
N TRP A 191 3.44 -6.25 11.81
CA TRP A 191 4.38 -5.19 12.16
C TRP A 191 5.65 -5.73 12.81
N GLN A 192 5.65 -7.02 13.20
CA GLN A 192 6.79 -7.67 13.86
C GLN A 192 7.33 -8.85 13.06
N ASN A 193 6.54 -9.39 12.13
CA ASN A 193 6.83 -10.69 11.54
C ASN A 193 6.59 -10.68 10.03
N PRO A 194 7.63 -10.46 9.19
CA PRO A 194 7.48 -10.48 7.74
C PRO A 194 6.95 -11.78 7.14
N SER A 195 7.11 -12.90 7.85
CA SER A 195 6.62 -14.16 7.32
C SER A 195 5.09 -14.16 7.27
N LEU A 196 4.47 -13.10 7.78
CA LEU A 196 3.02 -13.09 7.78
C LEU A 196 2.48 -12.36 6.55
N PHE A 197 3.38 -11.68 5.81
CA PHE A 197 2.97 -10.93 4.64
C PHE A 197 2.45 -11.92 3.59
N GLY A 198 1.55 -11.50 2.69
CA GLY A 198 1.27 -12.21 1.45
C GLY A 198 2.39 -12.02 0.42
N GLU A 199 2.06 -12.34 -0.83
CA GLU A 199 3.04 -12.28 -1.90
C GLU A 199 2.53 -11.42 -3.04
N ILE A 200 3.46 -10.69 -3.65
CA ILE A 200 3.16 -10.09 -4.95
C ILE A 200 4.14 -10.68 -5.95
N LYS A 201 3.61 -10.96 -7.15
CA LYS A 201 4.48 -11.40 -8.23
C LYS A 201 4.36 -10.41 -9.40
N LEU A 202 5.52 -9.90 -9.83
CA LEU A 202 5.60 -8.87 -10.87
C LEU A 202 5.60 -9.53 -12.25
N LYS A 203 4.69 -9.10 -13.11
CA LYS A 203 4.63 -9.57 -14.49
C LYS A 203 4.44 -8.39 -15.49
N GLY A 204 4.56 -8.69 -16.78
CA GLY A 204 3.96 -7.87 -17.83
C GLY A 204 4.92 -6.85 -18.44
N ARG A 205 6.21 -6.86 -18.07
CA ARG A 205 7.10 -5.90 -18.70
C ARG A 205 7.53 -6.51 -20.03
N SER A 206 7.16 -5.86 -21.14
CA SER A 206 7.69 -6.21 -22.46
C SER A 206 9.22 -6.26 -22.43
N ASP A 207 9.78 -7.25 -23.13
CA ASP A 207 11.22 -7.49 -23.10
C ASP A 207 11.90 -6.56 -24.09
N ASN A 208 11.29 -6.49 -25.28
CA ASN A 208 11.68 -5.58 -26.35
C ASN A 208 11.05 -4.21 -26.07
N ALA A 209 11.61 -3.49 -25.07
CA ALA A 209 11.06 -2.21 -24.61
C ALA A 209 11.52 -1.05 -25.50
N VAL A 210 12.08 -1.40 -26.68
CA VAL A 210 12.49 -0.48 -27.73
C VAL A 210 11.23 -0.07 -28.51
N VAL A 211 11.00 1.24 -28.66
CA VAL A 211 9.73 1.82 -29.08
C VAL A 211 10.00 2.95 -30.09
N PRO A 212 9.92 2.75 -31.43
CA PRO A 212 9.95 3.89 -32.37
C PRO A 212 8.76 4.85 -32.18
N ILE A 213 8.88 6.11 -32.63
CA ILE A 213 7.89 7.14 -32.31
C ILE A 213 6.50 6.74 -32.84
N ASN A 214 6.35 6.80 -34.18
CA ASN A 214 5.11 6.69 -34.95
C ASN A 214 4.10 7.73 -34.51
N PRO A 215 4.08 8.89 -35.20
CA PRO A 215 2.98 9.86 -35.04
C PRO A 215 1.72 9.47 -35.85
C2 BGC B . -0.23 -2.56 14.02
C3 BGC B . -0.29 -1.88 15.38
C4 BGC B . 1.12 -1.50 15.90
C5 BGC B . 1.68 -0.53 14.84
C6 BGC B . 2.99 0.23 15.13
C1 BGC B . 0.60 -1.70 13.07
O1 BGC B . 0.98 -2.45 11.95
O2 BGC B . -1.55 -2.89 13.56
O3 BGC B . -0.95 -2.80 16.23
O4 BGC B . 1.14 -0.90 17.23
O5 BGC B . 1.83 -1.36 13.69
O6 BGC B . 3.68 -0.39 16.19
C2 BGC B . 1.63 -0.59 19.56
C3 BGC B . 1.63 -1.26 20.95
C4 BGC B . 0.44 -2.21 21.19
C5 BGC B . -0.24 -2.76 19.91
C6 BGC B . -1.75 -2.81 20.14
C1 BGC B . 1.24 -1.52 18.43
O2 BGC B . 2.93 -0.08 19.27
O3 BGC B . 1.61 -0.23 21.95
O4 BGC B . -0.24 -2.13 22.37
O5 BGC B . -0.09 -1.96 18.73
O6 BGC B . -2.22 -3.93 19.39
C2 BGC B . -1.15 -1.49 24.60
C3 BGC B . -1.20 -2.01 26.04
C4 BGC B . -2.14 -3.20 25.97
C5 BGC B . -1.72 -4.24 24.94
C6 BGC B . -2.75 -5.36 24.96
C1 BGC B . -0.59 -2.59 23.69
O2 BGC B . -0.40 -0.29 24.48
O3 BGC B . -1.71 -1.05 27.00
O4 BGC B . -2.15 -3.93 27.19
O5 BGC B . -1.54 -3.66 23.64
O6 BGC B . -2.45 -6.24 26.05
C1 PEG C . 0.89 14.50 12.90
O1 PEG C . 0.59 13.14 13.21
C2 PEG C . -0.34 15.34 12.83
O2 PEG C . -1.16 15.08 13.97
C3 PEG C . -0.51 15.36 15.20
C4 PEG C . -1.49 15.43 16.32
O4 PEG C . -0.85 15.58 17.56
C1 PEG D . 10.49 -3.17 14.08
O1 PEG D . 9.66 -4.29 14.36
C2 PEG D . 11.44 -3.43 12.96
O2 PEG D . 12.48 -2.44 12.95
C3 PEG D . 13.78 -2.98 13.21
C4 PEG D . 14.31 -3.67 11.98
O4 PEG D . 15.73 -3.56 11.85
C1 PEG E . -7.13 -0.40 18.86
O1 PEG E . -5.97 0.23 19.37
C2 PEG E . -6.83 -1.06 17.58
O2 PEG E . -7.72 -2.16 17.36
C3 PEG E . -7.25 -3.11 16.39
C4 PEG E . -6.99 -4.44 17.02
O4 PEG E . -6.02 -5.22 16.32
C1 PEG F . 19.13 0.59 -7.53
O1 PEG F . 20.48 0.18 -7.67
C2 PEG F . 18.23 -0.20 -8.42
O2 PEG F . 17.23 0.63 -9.00
C3 PEG F . 16.46 -0.05 -9.98
C4 PEG F . 16.53 0.69 -11.31
O4 PEG F . 17.47 0.14 -12.25
C1 PEG G . -0.35 7.33 -16.54
O1 PEG G . -0.24 8.65 -16.15
C2 PEG G . -1.11 7.12 -17.84
O2 PEG G . -2.50 7.30 -17.61
C3 PEG G . -2.67 8.68 -17.32
C4 PEG G . -4.01 9.05 -16.80
O4 PEG G . -4.46 10.15 -17.49
C1 PEG H . -7.89 11.54 -14.91
O1 PEG H . -7.33 10.95 -16.07
C2 PEG H . -6.89 11.79 -13.84
O2 PEG H . -5.73 12.44 -14.37
C3 PEG H . -5.75 13.84 -14.11
C4 PEG H . -4.40 14.40 -14.42
O4 PEG H . -4.28 15.70 -13.90
C1 PEG I . -15.32 16.36 -0.30
O1 PEG I . -15.33 15.76 0.97
C2 PEG I . -14.27 15.80 -1.25
O2 PEG I . -14.01 16.78 -2.26
C3 PEG I . -14.65 18.05 -2.02
C4 PEG I . -14.16 19.08 -2.94
O4 PEG I . -12.80 18.82 -3.49
C1 EDO J . 15.25 -2.26 8.89
O1 EDO J . 14.04 -2.87 8.37
C2 EDO J . 15.61 -0.84 8.57
O2 EDO J . 14.97 0.15 9.39
C1 EDO K . 9.64 -19.28 0.17
O1 EDO K . 8.36 -19.67 0.65
C2 EDO K . 10.23 -18.19 1.00
O2 EDO K . 11.65 -18.11 1.02
C1 EDO L . -0.35 18.24 -5.87
O1 EDO L . 0.76 18.12 -4.99
C2 EDO L . -1.22 17.05 -5.93
O2 EDO L . -2.15 17.14 -6.99
C1 EDO M . -9.02 -9.84 12.47
O1 EDO M . -9.28 -11.22 12.29
C2 EDO M . -7.86 -9.49 13.33
O2 EDO M . -7.04 -8.57 12.66
C1 EDO N . -8.13 18.94 -6.31
O1 EDO N . -9.17 19.85 -6.00
C2 EDO N . -8.14 18.50 -7.75
O2 EDO N . -9.41 18.43 -8.41
C1 EDO O . -9.77 -6.08 -14.88
O1 EDO O . -8.74 -6.86 -15.38
C2 EDO O . -9.51 -4.68 -15.25
O2 EDO O . -10.13 -3.90 -14.25
C1 EDO P . -7.78 -9.60 -3.95
O1 EDO P . -6.73 -9.86 -4.87
C2 EDO P . -9.03 -9.13 -4.56
O2 EDO P . -10.01 -8.98 -3.57
C1 EDO Q . 18.78 -2.74 1.82
O1 EDO Q . 19.46 -2.11 2.89
C2 EDO Q . 18.15 -1.77 0.87
O2 EDO Q . 18.76 -0.48 0.78
C1 EDO R . 19.05 2.79 -11.80
O1 EDO R . 19.66 1.74 -11.04
C2 EDO R . 19.12 2.54 -13.27
O2 EDO R . 18.26 3.34 -14.05
CA CA S . -12.44 7.06 10.62
CA CA T . -2.12 9.63 -10.23
CA CA U . 13.30 -9.19 3.68
C1 PGE V . -2.41 14.41 22.68
O1 PGE V . -2.48 13.23 21.88
C2 PGE V . -3.71 14.71 23.40
O2 PGE V . -4.73 15.03 22.46
C3 PGE V . -6.07 14.80 22.92
C4 PGE V . -6.91 14.14 21.83
O4 PGE V . -7.49 10.38 23.04
C6 PGE V . -6.14 10.74 23.06
C5 PGE V . -5.94 12.21 22.87
O3 PGE V . -6.66 12.73 21.74
OH2 1PE W . -16.16 -8.37 3.39
C12 1PE W . -16.44 -6.98 3.38
C22 1PE W . -15.67 -6.26 2.32
OH3 1PE W . -16.45 -5.19 1.79
C13 1PE W . -17.55 -4.27 -0.11
C23 1PE W . -17.13 -5.53 0.58
OH4 1PE W . -16.54 -3.87 -1.02
C14 1PE W . -15.96 -1.56 -1.30
C24 1PE W . -15.69 -2.83 -0.54
OH5 1PE W . -14.84 -0.69 -1.28
C15 1PE W . -14.13 1.65 -1.32
C25 1PE W . -15.15 0.63 -1.75
OH6 1PE W . -14.45 2.90 -1.93
C16 1PE W . -14.66 5.28 -1.49
C26 1PE W . -13.87 4.02 -1.26
OH7 1PE W . -14.10 6.41 -0.81
C1 PGE X . 13.30 3.02 13.01
O1 PGE X . 12.47 3.05 14.14
C2 PGE X . 12.53 3.19 11.73
O2 PGE X . 13.27 4.02 10.84
C3 PGE X . 14.10 3.31 9.94
C4 PGE X . 15.22 4.18 9.47
O4 PGE X . 17.33 1.92 7.00
C6 PGE X . 17.97 3.20 7.15
C5 PGE X . 17.22 4.09 8.13
O3 PGE X . 16.16 3.37 8.77
#